data_5FV2
#
_entry.id   5FV2
#
_cell.length_a   107.108
_cell.length_b   130.397
_cell.length_c   81.178
_cell.angle_alpha   90.00
_cell.angle_beta   106.53
_cell.angle_gamma   90.00
#
_symmetry.space_group_name_H-M   'C 1 2 1'
#
loop_
_entity.id
_entity.type
_entity.pdbx_description
1 polymer 'VH DOMAIN ANTIBODY'
2 polymer 'VASCULAR ENDOTHELIAL GROWTH FACTOR'
#
loop_
_entity_poly.entity_id
_entity_poly.type
_entity_poly.pdbx_seq_one_letter_code
_entity_poly.pdbx_strand_id
1 'polypeptide(L)'
;EVQLLVSGGGLVQPGGSLRLSCAASGFTFKAYPMMWVRQAPGKGLEWVSEISPSGSYTYYADSVKGRFTISRDNSKNTLY
LQMNSLRAEDTAVYYCAKDPRKLDYWGQGTLVTVSS
;
A,B,C
2 'polypeptide(L)'
;APMAEGGGQNHHEVVKFMDVYQRSYCHPIETLVDIFQEYPDEIEYIFKPSCVPLMRCGGCCNDEGLECVPTEESNITMQI
MRIKPHQGQHIGEMSFLQHNKCECRPKKDRHHHHHH
;
V,W,X
#
# COMPACT_ATOMS: atom_id res chain seq x y z
N GLU A 1 13.03 21.53 9.60
CA GLU A 1 13.00 21.26 8.12
C GLU A 1 14.06 20.23 7.72
N VAL A 2 14.11 19.13 8.47
CA VAL A 2 15.14 18.10 8.27
C VAL A 2 14.61 16.99 7.38
N GLN A 3 15.49 16.45 6.53
CA GLN A 3 15.16 15.30 5.68
C GLN A 3 16.37 14.42 5.45
N LEU A 4 16.17 13.11 5.62
CA LEU A 4 17.19 12.11 5.34
C LEU A 4 16.61 11.09 4.35
N LEU A 5 17.19 11.03 3.17
CA LEU A 5 16.65 10.24 2.06
C LEU A 5 17.62 9.15 1.62
N VAL A 6 17.20 7.90 1.71
CA VAL A 6 18.07 6.76 1.46
C VAL A 6 17.62 5.96 0.24
N SER A 7 18.59 5.36 -0.44
CA SER A 7 18.34 4.46 -1.57
C SER A 7 19.54 3.56 -1.83
N GLY A 8 19.31 2.44 -2.49
CA GLY A 8 20.39 1.50 -2.85
C GLY A 8 20.07 0.06 -2.51
N GLY A 9 19.25 -0.16 -1.49
CA GLY A 9 18.92 -1.51 -1.05
C GLY A 9 18.09 -2.30 -2.04
N GLY A 10 18.01 -3.62 -1.83
CA GLY A 10 17.21 -4.50 -2.68
C GLY A 10 17.50 -5.96 -2.41
N LEU A 11 17.58 -6.75 -3.49
CA LEU A 11 17.84 -8.19 -3.40
C LEU A 11 19.25 -8.50 -3.89
N VAL A 12 19.90 -9.47 -3.25
CA VAL A 12 21.26 -9.86 -3.62
C VAL A 12 21.56 -11.30 -3.20
N GLN A 13 22.49 -11.94 -3.90
CA GLN A 13 22.91 -13.31 -3.58
C GLN A 13 23.88 -13.28 -2.40
N PRO A 14 23.98 -14.40 -1.65
CA PRO A 14 24.98 -14.49 -0.59
C PRO A 14 26.41 -14.26 -1.10
N GLY A 15 27.22 -13.57 -0.32
CA GLY A 15 28.55 -13.15 -0.76
C GLY A 15 28.49 -12.04 -1.79
N GLY A 16 27.40 -11.26 -1.76
CA GLY A 16 27.15 -10.22 -2.75
C GLY A 16 27.62 -8.84 -2.33
N SER A 17 27.16 -7.82 -3.04
CA SER A 17 27.57 -6.44 -2.79
C SER A 17 26.44 -5.44 -2.98
N LEU A 18 26.39 -4.43 -2.12
CA LEU A 18 25.44 -3.31 -2.25
C LEU A 18 26.04 -2.02 -1.71
N ARG A 19 25.60 -0.90 -2.28
CA ARG A 19 26.02 0.44 -1.82
C ARG A 19 24.79 1.29 -1.55
N LEU A 20 24.60 1.66 -0.28
CA LEU A 20 23.49 2.51 0.13
C LEU A 20 23.94 3.96 0.16
N SER A 21 23.01 4.88 -0.13
CA SER A 21 23.32 6.30 -0.24
C SER A 21 22.26 7.15 0.46
N CYS A 22 22.65 7.77 1.57
CA CYS A 22 21.78 8.65 2.35
C CYS A 22 22.07 10.11 1.98
N ALA A 23 21.02 10.85 1.61
CA ALA A 23 21.16 12.25 1.17
C ALA A 23 20.50 13.20 2.15
N ALA A 24 21.31 13.94 2.90
CA ALA A 24 20.84 14.78 4.01
C ALA A 24 20.55 16.22 3.59
N SER A 25 19.63 16.85 4.31
CA SER A 25 19.27 18.26 4.10
C SER A 25 18.46 18.79 5.28
N GLY A 26 18.60 20.08 5.55
CA GLY A 26 17.86 20.74 6.64
C GLY A 26 18.67 20.99 7.90
N PHE A 27 19.97 20.72 7.85
CA PHE A 27 20.87 20.99 8.98
C PHE A 27 22.32 21.02 8.51
N THR A 28 23.21 21.45 9.39
CA THR A 28 24.64 21.54 9.07
C THR A 28 25.29 20.15 9.08
N PHE A 29 25.18 19.47 7.94
CA PHE A 29 25.69 18.10 7.77
C PHE A 29 27.15 17.92 8.22
N LYS A 30 27.97 18.95 8.00
CA LYS A 30 29.40 18.89 8.30
C LYS A 30 29.72 18.75 9.79
N ALA A 31 28.83 19.26 10.64
CA ALA A 31 29.08 19.33 12.08
C ALA A 31 28.76 18.02 12.82
N TYR A 32 27.70 17.33 12.41
CA TYR A 32 27.19 16.17 13.14
C TYR A 32 27.83 14.88 12.65
N PRO A 33 28.07 13.92 13.56
CA PRO A 33 28.38 12.56 13.11
C PRO A 33 27.12 11.88 12.58
N MET A 34 27.28 10.95 11.64
CA MET A 34 26.15 10.21 11.08
C MET A 34 26.31 8.72 11.33
N MET A 35 25.20 8.00 11.25
CA MET A 35 25.18 6.58 11.60
C MET A 35 24.23 5.78 10.71
N TRP A 36 24.48 4.48 10.64
CA TRP A 36 23.56 3.54 10.02
C TRP A 36 23.02 2.60 11.08
N VAL A 37 21.72 2.31 11.01
CA VAL A 37 21.08 1.35 11.90
C VAL A 37 20.19 0.43 11.07
N ARG A 38 19.86 -0.74 11.64
CA ARG A 38 19.02 -1.70 10.93
C ARG A 38 18.09 -2.44 11.89
N GLN A 39 16.94 -2.86 11.37
CA GLN A 39 15.98 -3.63 12.15
C GLN A 39 15.57 -4.88 11.36
N ALA A 40 15.97 -6.04 11.87
CA ALA A 40 15.59 -7.31 11.27
C ALA A 40 14.09 -7.55 11.50
N PRO A 41 13.43 -8.29 10.59
CA PRO A 41 11.98 -8.45 10.67
C PRO A 41 11.51 -9.09 11.97
N GLY A 42 10.77 -8.32 12.78
CA GLY A 42 10.29 -8.81 14.08
C GLY A 42 11.43 -9.04 15.06
N LYS A 43 12.30 -8.04 15.19
CA LYS A 43 13.52 -8.18 15.99
C LYS A 43 13.99 -6.81 16.47
N GLY A 44 14.78 -6.80 17.55
CA GLY A 44 15.31 -5.56 18.12
C GLY A 44 16.11 -4.71 17.14
N LEU A 45 16.13 -3.40 17.41
CA LEU A 45 16.80 -2.43 16.54
C LEU A 45 18.31 -2.44 16.80
N GLU A 46 19.09 -2.71 15.75
CA GLU A 46 20.54 -2.89 15.88
C GLU A 46 21.34 -1.72 15.30
N TRP A 47 22.45 -1.40 15.97
CA TRP A 47 23.36 -0.35 15.54
C TRP A 47 24.42 -0.96 14.62
N VAL A 48 24.63 -0.35 13.44
CA VAL A 48 25.52 -0.90 12.43
C VAL A 48 26.89 -0.20 12.44
N SER A 49 26.89 1.09 12.13
CA SER A 49 28.15 1.84 11.98
C SER A 49 27.97 3.34 12.16
N GLU A 50 29.06 4.00 12.55
CA GLU A 50 29.09 5.46 12.66
C GLU A 50 30.33 6.06 12.01
N ILE A 51 30.24 7.36 11.74
CA ILE A 51 31.34 8.13 11.17
C ILE A 51 31.34 9.53 11.76
N SER A 52 32.55 10.05 12.03
CA SER A 52 32.71 11.35 12.66
C SER A 52 32.36 12.49 11.69
N PRO A 53 32.27 13.74 12.20
CA PRO A 53 31.91 14.88 11.32
C PRO A 53 32.88 15.10 10.17
N SER A 54 34.18 15.07 10.46
CA SER A 54 35.22 15.23 9.45
C SER A 54 35.38 14.00 8.55
N GLY A 55 34.89 12.85 9.01
CA GLY A 55 35.02 11.60 8.28
C GLY A 55 36.34 10.90 8.56
N SER A 56 37.06 11.38 9.57
CA SER A 56 38.38 10.85 9.91
C SER A 56 38.30 9.62 10.81
N TYR A 57 37.32 9.60 11.71
CA TYR A 57 37.11 8.46 12.61
C TYR A 57 35.85 7.69 12.18
N THR A 58 35.97 6.36 12.12
CA THR A 58 34.85 5.49 11.79
C THR A 58 34.72 4.38 12.82
N TYR A 59 33.48 4.01 13.14
CA TYR A 59 33.18 2.96 14.11
C TYR A 59 32.24 1.94 13.46
N TYR A 60 32.53 0.66 13.67
CA TYR A 60 31.72 -0.43 13.11
C TYR A 60 31.26 -1.40 14.19
N ALA A 61 30.12 -2.04 13.95
CA ALA A 61 29.63 -3.09 14.84
C ALA A 61 30.51 -4.32 14.71
N ASP A 62 30.54 -5.13 15.75
CA ASP A 62 31.37 -6.34 15.78
C ASP A 62 30.99 -7.34 14.69
N SER A 63 29.70 -7.41 14.35
CA SER A 63 29.20 -8.34 13.36
C SER A 63 29.58 -8.00 11.92
N VAL A 64 29.82 -6.72 11.64
CA VAL A 64 30.04 -6.24 10.27
C VAL A 64 31.43 -5.64 10.02
N LYS A 65 32.31 -5.67 11.00
CA LYS A 65 33.63 -5.05 10.87
C LYS A 65 34.46 -5.75 9.78
N GLY A 66 35.10 -4.94 8.93
CA GLY A 66 35.89 -5.45 7.81
C GLY A 66 35.09 -5.55 6.51
N ARG A 67 33.88 -6.10 6.60
CA ARG A 67 33.02 -6.27 5.43
C ARG A 67 32.42 -4.93 4.98
N PHE A 68 31.82 -4.22 5.93
CA PHE A 68 31.15 -2.95 5.66
C PHE A 68 32.14 -1.79 5.72
N THR A 69 31.87 -0.74 4.96
CA THR A 69 32.70 0.45 4.95
C THR A 69 31.83 1.70 4.87
N ILE A 70 31.90 2.54 5.90
CA ILE A 70 31.13 3.78 5.95
C ILE A 70 31.97 4.91 5.39
N SER A 71 31.32 5.85 4.70
CA SER A 71 32.00 6.98 4.10
C SER A 71 31.01 8.10 3.83
N ARG A 72 31.50 9.34 3.89
CA ARG A 72 30.65 10.51 3.72
C ARG A 72 31.33 11.55 2.83
N ASP A 73 30.52 12.25 2.04
CA ASP A 73 30.98 13.36 1.21
C ASP A 73 30.34 14.64 1.73
N ASN A 74 31.07 15.34 2.60
CA ASN A 74 30.55 16.54 3.28
C ASN A 74 30.17 17.67 2.33
N SER A 75 30.75 17.69 1.13
CA SER A 75 30.43 18.68 0.11
C SER A 75 29.03 18.47 -0.46
N LYS A 76 28.64 17.21 -0.64
CA LYS A 76 27.35 16.86 -1.23
C LYS A 76 26.26 16.54 -0.19
N ASN A 77 26.62 16.58 1.09
CA ASN A 77 25.74 16.20 2.18
C ASN A 77 25.18 14.78 2.01
N THR A 78 26.07 13.85 1.68
CA THR A 78 25.69 12.46 1.43
C THR A 78 26.51 11.48 2.26
N LEU A 79 25.83 10.48 2.79
CA LEU A 79 26.45 9.41 3.57
C LEU A 79 26.35 8.11 2.79
N TYR A 80 27.42 7.32 2.81
CA TYR A 80 27.49 6.06 2.05
C TYR A 80 27.80 4.88 2.95
N LEU A 81 27.35 3.70 2.54
CA LEU A 81 27.66 2.45 3.24
C LEU A 81 27.91 1.33 2.22
N GLN A 82 29.18 1.04 1.97
CA GLN A 82 29.57 -0.07 1.11
C GLN A 82 29.43 -1.38 1.88
N MET A 83 28.59 -2.28 1.38
CA MET A 83 28.29 -3.55 2.05
C MET A 83 28.77 -4.70 1.18
N ASN A 84 29.74 -5.47 1.69
CA ASN A 84 30.35 -6.57 0.94
C ASN A 84 30.18 -7.93 1.62
N SER A 85 30.24 -9.00 0.82
CA SER A 85 30.13 -10.39 1.29
C SER A 85 28.97 -10.57 2.29
N LEU A 86 27.76 -10.29 1.82
CA LEU A 86 26.58 -10.30 2.67
C LEU A 86 26.10 -11.71 2.97
N ARG A 87 25.41 -11.85 4.11
CA ARG A 87 24.83 -13.12 4.55
C ARG A 87 23.33 -12.95 4.76
N ALA A 88 22.64 -14.07 4.96
CA ALA A 88 21.20 -14.04 5.27
C ALA A 88 20.89 -13.32 6.59
N GLU A 89 21.89 -13.26 7.47
CA GLU A 89 21.76 -12.58 8.76
C GLU A 89 21.71 -11.05 8.64
N ASP A 90 22.20 -10.51 7.53
CA ASP A 90 22.16 -9.07 7.28
C ASP A 90 20.82 -8.58 6.73
N THR A 91 19.89 -9.51 6.44
CA THR A 91 18.57 -9.16 5.92
C THR A 91 17.79 -8.30 6.92
N ALA A 92 17.70 -7.01 6.63
CA ALA A 92 17.00 -6.06 7.48
C ALA A 92 16.72 -4.75 6.72
N VAL A 93 15.92 -3.88 7.32
CA VAL A 93 15.67 -2.55 6.77
C VAL A 93 16.70 -1.59 7.35
N TYR A 94 17.40 -0.88 6.48
CA TYR A 94 18.52 -0.02 6.87
C TYR A 94 18.14 1.46 6.85
N TYR A 95 18.49 2.17 7.93
CA TYR A 95 18.22 3.59 8.06
C TYR A 95 19.51 4.35 8.32
N CYS A 96 19.65 5.53 7.72
CA CYS A 96 20.69 6.49 8.11
C CYS A 96 20.08 7.44 9.13
N ALA A 97 20.90 8.04 9.99
CA ALA A 97 20.37 8.93 11.03
C ALA A 97 21.44 9.85 11.61
N LYS A 98 21.04 11.08 11.94
CA LYS A 98 21.87 11.98 12.75
C LYS A 98 21.54 11.82 14.24
N ASP A 99 20.28 11.53 14.54
CA ASP A 99 19.78 11.42 15.90
C ASP A 99 19.09 10.07 16.06
N PRO A 100 19.63 9.18 16.94
CA PRO A 100 19.06 7.86 17.18
C PRO A 100 17.56 7.85 17.52
N ARG A 101 17.09 8.88 18.23
CA ARG A 101 15.70 8.97 18.65
C ARG A 101 14.73 9.00 17.47
N LYS A 102 15.01 9.85 16.48
CA LYS A 102 14.12 10.04 15.34
C LYS A 102 14.48 9.13 14.16
N LEU A 103 13.60 8.18 13.85
CA LEU A 103 13.76 7.30 12.68
C LEU A 103 12.48 7.21 11.85
N ASP A 104 11.61 8.22 11.97
CA ASP A 104 10.30 8.20 11.32
C ASP A 104 10.28 9.02 10.02
N TYR A 105 11.40 9.65 9.68
CA TYR A 105 11.49 10.45 8.45
C TYR A 105 11.12 9.63 7.22
N TRP A 106 10.42 10.28 6.28
CA TRP A 106 10.01 9.64 5.03
C TRP A 106 11.22 9.30 4.17
N GLY A 107 11.18 8.16 3.50
CA GLY A 107 12.23 7.74 2.57
C GLY A 107 13.58 7.48 3.22
N GLN A 108 13.57 7.26 4.53
CA GLN A 108 14.79 7.07 5.30
C GLN A 108 15.18 5.60 5.35
N GLY A 109 14.19 4.71 5.27
CA GLY A 109 14.43 3.27 5.31
C GLY A 109 14.54 2.65 3.93
N THR A 110 15.47 1.71 3.79
CA THR A 110 15.59 0.91 2.57
C THR A 110 15.82 -0.56 2.95
N LEU A 111 15.20 -1.47 2.21
CA LEU A 111 15.19 -2.89 2.56
C LEU A 111 16.26 -3.68 1.83
N VAL A 112 17.21 -4.24 2.59
CA VAL A 112 18.20 -5.16 2.06
C VAL A 112 17.76 -6.59 2.38
N THR A 113 17.81 -7.46 1.38
CA THR A 113 17.46 -8.87 1.56
C THR A 113 18.49 -9.77 0.87
N VAL A 114 18.96 -10.78 1.59
CA VAL A 114 19.92 -11.74 1.06
C VAL A 114 19.25 -13.09 0.87
N SER A 115 19.14 -13.51 -0.38
CA SER A 115 18.34 -14.68 -0.76
C SER A 115 19.10 -15.99 -0.60
N SER A 116 18.44 -17.09 -0.95
CA SER A 116 19.06 -18.41 -1.02
C SER A 116 18.93 -18.98 -2.43
N GLU B 1 -11.74 -23.35 10.81
CA GLU B 1 -12.22 -24.57 11.54
C GLU B 1 -13.68 -24.92 11.17
N VAL B 2 -14.02 -24.79 9.90
CA VAL B 2 -15.37 -25.00 9.42
C VAL B 2 -15.54 -26.44 8.94
N GLN B 3 -16.70 -27.03 9.21
CA GLN B 3 -17.03 -28.37 8.74
C GLN B 3 -18.51 -28.49 8.38
N LEU B 4 -18.78 -28.59 7.09
CA LEU B 4 -20.12 -28.81 6.57
C LEU B 4 -20.24 -30.26 6.11
N LEU B 5 -21.04 -31.05 6.83
CA LEU B 5 -21.12 -32.49 6.61
C LEU B 5 -22.53 -32.89 6.17
N VAL B 6 -22.64 -33.47 4.98
CA VAL B 6 -23.93 -33.77 4.34
C VAL B 6 -24.21 -35.27 4.34
N SER B 7 -25.51 -35.61 4.38
CA SER B 7 -25.94 -37.00 4.28
C SER B 7 -27.41 -37.08 3.87
N GLY B 8 -27.78 -38.17 3.18
CA GLY B 8 -29.17 -38.40 2.77
C GLY B 8 -29.33 -38.92 1.35
N GLY B 9 -28.39 -38.56 0.47
CA GLY B 9 -28.50 -38.90 -0.96
C GLY B 9 -28.33 -40.37 -1.28
N GLY B 10 -28.68 -40.73 -2.52
CA GLY B 10 -28.57 -42.11 -2.99
C GLY B 10 -29.26 -42.32 -4.33
N LEU B 11 -30.00 -43.42 -4.46
CA LEU B 11 -30.75 -43.74 -5.67
C LEU B 11 -32.25 -43.85 -5.36
N VAL B 12 -33.07 -43.27 -6.22
CA VAL B 12 -34.52 -43.41 -6.15
C VAL B 12 -35.13 -43.22 -7.54
N GLN B 13 -36.23 -43.93 -7.80
CA GLN B 13 -36.87 -43.93 -9.12
C GLN B 13 -37.65 -42.63 -9.35
N PRO B 14 -37.91 -42.27 -10.62
CA PRO B 14 -38.70 -41.08 -10.97
C PRO B 14 -39.99 -40.94 -10.17
N GLY B 15 -40.30 -39.72 -9.75
CA GLY B 15 -41.43 -39.46 -8.87
C GLY B 15 -41.17 -39.94 -7.45
N GLY B 16 -39.90 -39.95 -7.05
CA GLY B 16 -39.50 -40.43 -5.73
C GLY B 16 -39.48 -39.31 -4.71
N SER B 17 -38.70 -39.51 -3.64
CA SER B 17 -38.57 -38.52 -2.58
C SER B 17 -37.29 -38.75 -1.76
N LEU B 18 -36.68 -37.65 -1.33
CA LEU B 18 -35.44 -37.71 -0.52
C LEU B 18 -35.33 -36.49 0.40
N ARG B 19 -34.67 -36.71 1.55
CA ARG B 19 -34.40 -35.65 2.51
C ARG B 19 -32.91 -35.60 2.82
N LEU B 20 -32.25 -34.52 2.40
CA LEU B 20 -30.83 -34.32 2.66
C LEU B 20 -30.64 -33.57 3.97
N SER B 21 -29.52 -33.82 4.64
CA SER B 21 -29.23 -33.23 5.95
C SER B 21 -27.78 -32.76 6.04
N CYS B 22 -27.60 -31.45 6.15
CA CYS B 22 -26.27 -30.85 6.33
C CYS B 22 -26.05 -30.54 7.82
N ALA B 23 -24.87 -30.88 8.32
CA ALA B 23 -24.54 -30.71 9.73
C ALA B 23 -23.34 -29.77 9.88
N ALA B 24 -23.63 -28.51 10.23
CA ALA B 24 -22.62 -27.46 10.26
C ALA B 24 -21.94 -27.29 11.62
N SER B 25 -20.73 -26.76 11.60
CA SER B 25 -19.98 -26.45 12.81
C SER B 25 -18.81 -25.50 12.49
N GLY B 26 -18.23 -24.91 13.54
CA GLY B 26 -17.06 -24.05 13.39
C GLY B 26 -17.33 -22.56 13.26
N PHE B 27 -18.61 -22.17 13.38
CA PHE B 27 -19.00 -20.77 13.28
C PHE B 27 -20.40 -20.57 13.86
N THR B 28 -20.81 -19.31 13.99
CA THR B 28 -22.13 -18.99 14.53
C THR B 28 -23.21 -19.23 13.46
N PHE B 29 -23.66 -20.48 13.37
CA PHE B 29 -24.65 -20.92 12.39
C PHE B 29 -25.90 -20.03 12.34
N LYS B 30 -26.34 -19.56 13.50
CA LYS B 30 -27.57 -18.77 13.62
C LYS B 30 -27.54 -17.43 12.86
N ALA B 31 -26.35 -16.84 12.71
CA ALA B 31 -26.20 -15.52 12.10
C ALA B 31 -26.03 -15.55 10.58
N TYR B 32 -25.75 -16.72 9.99
CA TYR B 32 -25.49 -16.82 8.55
C TYR B 32 -26.65 -17.44 7.78
N PRO B 33 -26.89 -16.97 6.54
CA PRO B 33 -27.76 -17.71 5.62
C PRO B 33 -27.03 -18.91 5.03
N MET B 34 -27.78 -19.97 4.73
CA MET B 34 -27.21 -21.18 4.14
C MET B 34 -27.83 -21.43 2.77
N MET B 35 -27.21 -22.34 2.01
CA MET B 35 -27.62 -22.60 0.64
C MET B 35 -27.26 -24.00 0.16
N TRP B 36 -27.98 -24.45 -0.87
CA TRP B 36 -27.71 -25.73 -1.53
C TRP B 36 -27.30 -25.48 -2.98
N VAL B 37 -26.27 -26.20 -3.43
CA VAL B 37 -25.84 -26.16 -4.83
C VAL B 37 -25.60 -27.58 -5.32
N ARG B 38 -25.72 -27.78 -6.62
CA ARG B 38 -25.52 -29.10 -7.23
C ARG B 38 -24.65 -29.01 -8.48
N GLN B 39 -23.96 -30.10 -8.79
CA GLN B 39 -23.16 -30.19 -10.01
C GLN B 39 -23.42 -31.51 -10.73
N ALA B 40 -24.06 -31.42 -11.88
CA ALA B 40 -24.30 -32.57 -12.75
C ALA B 40 -23.00 -32.95 -13.46
N PRO B 41 -22.82 -34.24 -13.79
CA PRO B 41 -21.58 -34.70 -14.42
C PRO B 41 -21.44 -34.22 -15.86
N GLY B 42 -20.36 -33.48 -16.14
CA GLY B 42 -20.15 -32.87 -17.45
C GLY B 42 -20.71 -31.46 -17.55
N LYS B 43 -21.56 -31.08 -16.60
CA LYS B 43 -22.22 -29.77 -16.57
C LYS B 43 -21.54 -28.89 -15.53
N GLY B 44 -21.87 -27.60 -15.53
CA GLY B 44 -21.33 -26.66 -14.56
C GLY B 44 -22.08 -26.67 -13.25
N LEU B 45 -21.60 -25.89 -12.28
CA LEU B 45 -22.27 -25.73 -10.99
C LEU B 45 -23.58 -24.98 -11.15
N GLU B 46 -24.56 -25.32 -10.31
CA GLU B 46 -25.88 -24.70 -10.38
C GLU B 46 -26.45 -24.43 -8.99
N TRP B 47 -27.01 -23.23 -8.82
CA TRP B 47 -27.63 -22.81 -7.57
C TRP B 47 -29.02 -23.45 -7.45
N VAL B 48 -29.35 -23.93 -6.26
CA VAL B 48 -30.63 -24.61 -6.02
C VAL B 48 -31.53 -23.82 -5.07
N SER B 49 -31.04 -23.54 -3.87
CA SER B 49 -31.86 -22.88 -2.85
C SER B 49 -31.06 -22.10 -1.80
N GLU B 50 -31.79 -21.25 -1.06
CA GLU B 50 -31.23 -20.51 0.09
C GLU B 50 -32.26 -20.39 1.21
N ILE B 51 -31.77 -20.03 2.40
CA ILE B 51 -32.61 -19.77 3.55
C ILE B 51 -31.96 -18.70 4.43
N SER B 52 -32.79 -17.84 5.02
CA SER B 52 -32.30 -16.74 5.85
C SER B 52 -31.76 -17.25 7.19
N PRO B 53 -31.01 -16.41 7.92
CA PRO B 53 -30.48 -16.84 9.23
C PRO B 53 -31.58 -17.09 10.26
N SER B 54 -32.61 -16.26 10.25
CA SER B 54 -33.77 -16.44 11.12
C SER B 54 -34.59 -17.68 10.73
N GLY B 55 -34.65 -17.96 9.43
CA GLY B 55 -35.41 -19.09 8.91
C GLY B 55 -36.81 -18.71 8.46
N SER B 56 -37.09 -17.41 8.43
CA SER B 56 -38.40 -16.90 8.04
C SER B 56 -38.51 -16.62 6.53
N TYR B 57 -37.39 -16.67 5.82
CA TYR B 57 -37.36 -16.43 4.38
C TYR B 57 -36.69 -17.58 3.64
N THR B 58 -37.24 -17.94 2.47
CA THR B 58 -36.71 -19.02 1.66
C THR B 58 -36.60 -18.60 0.20
N TYR B 59 -35.60 -19.13 -0.50
CA TYR B 59 -35.37 -18.83 -1.91
C TYR B 59 -35.08 -20.11 -2.68
N TYR B 60 -35.62 -20.22 -3.88
CA TYR B 60 -35.51 -21.44 -4.70
C TYR B 60 -35.18 -21.11 -6.15
N ALA B 61 -34.58 -22.08 -6.84
CA ALA B 61 -34.30 -21.95 -8.27
C ALA B 61 -35.57 -22.21 -9.07
N ASP B 62 -35.61 -21.67 -10.28
CA ASP B 62 -36.79 -21.80 -11.16
C ASP B 62 -37.00 -23.23 -11.65
N SER B 63 -35.92 -24.00 -11.76
CA SER B 63 -35.99 -25.38 -12.23
C SER B 63 -36.53 -26.37 -11.19
N VAL B 64 -36.60 -25.95 -9.93
CA VAL B 64 -37.00 -26.85 -8.84
C VAL B 64 -38.17 -26.37 -7.97
N LYS B 65 -38.41 -25.06 -7.91
CA LYS B 65 -39.36 -24.49 -6.95
C LYS B 65 -40.77 -25.05 -7.09
N GLY B 66 -41.39 -25.35 -5.94
CA GLY B 66 -42.65 -26.08 -5.88
C GLY B 66 -42.44 -27.52 -5.45
N ARG B 67 -41.27 -28.08 -5.76
CA ARG B 67 -40.93 -29.46 -5.45
C ARG B 67 -40.06 -29.58 -4.21
N PHE B 68 -38.89 -28.93 -4.24
CA PHE B 68 -37.97 -28.96 -3.11
C PHE B 68 -38.42 -27.99 -2.03
N THR B 69 -38.03 -28.26 -0.78
CA THR B 69 -38.37 -27.40 0.35
C THR B 69 -37.22 -27.34 1.36
N ILE B 70 -36.63 -26.15 1.51
CA ILE B 70 -35.49 -25.94 2.42
C ILE B 70 -35.99 -25.63 3.82
N SER B 71 -35.19 -25.99 4.81
CA SER B 71 -35.49 -25.69 6.21
C SER B 71 -34.26 -25.86 7.09
N ARG B 72 -34.23 -25.14 8.20
CA ARG B 72 -33.08 -25.17 9.10
C ARG B 72 -33.53 -25.23 10.56
N ASP B 73 -32.70 -25.88 11.39
CA ASP B 73 -32.91 -25.90 12.83
C ASP B 73 -31.68 -25.29 13.49
N ASN B 74 -31.82 -24.03 13.93
CA ASN B 74 -30.71 -23.28 14.52
C ASN B 74 -30.29 -23.79 15.90
N SER B 75 -31.21 -24.47 16.59
CA SER B 75 -30.91 -25.09 17.88
C SER B 75 -29.99 -26.30 17.74
N LYS B 76 -30.07 -26.99 16.61
CA LYS B 76 -29.25 -28.18 16.33
C LYS B 76 -28.11 -27.95 15.33
N ASN B 77 -28.08 -26.76 14.73
CA ASN B 77 -27.07 -26.40 13.72
C ASN B 77 -27.11 -27.32 12.49
N THR B 78 -28.30 -27.51 11.92
CA THR B 78 -28.47 -28.38 10.76
C THR B 78 -29.36 -27.73 9.70
N LEU B 79 -29.00 -27.99 8.44
CA LEU B 79 -29.78 -27.53 7.30
C LEU B 79 -30.42 -28.74 6.62
N TYR B 80 -31.63 -28.57 6.10
CA TYR B 80 -32.37 -29.65 5.47
C TYR B 80 -32.82 -29.26 4.06
N LEU B 81 -33.06 -30.27 3.22
CA LEU B 81 -33.65 -30.05 1.89
C LEU B 81 -34.58 -31.19 1.54
N GLN B 82 -35.88 -30.94 1.64
CA GLN B 82 -36.90 -31.94 1.33
C GLN B 82 -37.15 -32.00 -0.18
N MET B 83 -36.53 -32.95 -0.85
CA MET B 83 -36.63 -33.11 -2.30
C MET B 83 -37.73 -34.10 -2.66
N ASN B 84 -38.75 -33.63 -3.38
CA ASN B 84 -39.89 -34.47 -3.79
C ASN B 84 -40.09 -34.49 -5.30
N SER B 85 -40.80 -35.51 -5.77
CA SER B 85 -41.11 -35.69 -7.21
C SER B 85 -39.89 -35.45 -8.11
N LEU B 86 -38.90 -36.34 -7.98
CA LEU B 86 -37.62 -36.17 -8.65
C LEU B 86 -37.66 -36.57 -10.12
N ARG B 87 -36.86 -35.89 -10.92
CA ARG B 87 -36.75 -36.15 -12.36
C ARG B 87 -35.30 -36.43 -12.73
N ALA B 88 -35.09 -36.95 -13.95
CA ALA B 88 -33.75 -37.29 -14.44
C ALA B 88 -32.82 -36.08 -14.48
N GLU B 89 -33.38 -34.91 -14.80
CA GLU B 89 -32.62 -33.66 -14.84
C GLU B 89 -32.02 -33.23 -13.48
N ASP B 90 -32.57 -33.75 -12.38
CA ASP B 90 -32.05 -33.46 -11.04
C ASP B 90 -30.82 -34.28 -10.65
N THR B 91 -30.45 -35.26 -11.48
CA THR B 91 -29.31 -36.13 -11.19
C THR B 91 -27.99 -35.34 -11.10
N ALA B 92 -27.49 -35.19 -9.87
CA ALA B 92 -26.27 -34.43 -9.62
C ALA B 92 -25.74 -34.68 -8.21
N VAL B 93 -24.53 -34.18 -7.94
CA VAL B 93 -23.95 -34.22 -6.60
C VAL B 93 -24.37 -32.95 -5.85
N TYR B 94 -25.01 -33.11 -4.70
CA TYR B 94 -25.58 -31.98 -3.96
C TYR B 94 -24.69 -31.55 -2.80
N TYR B 95 -24.30 -30.27 -2.81
CA TYR B 95 -23.43 -29.68 -1.79
C TYR B 95 -24.19 -28.66 -0.95
N CYS B 96 -23.94 -28.70 0.36
CA CYS B 96 -24.43 -27.66 1.28
C CYS B 96 -23.27 -26.72 1.58
N ALA B 97 -23.53 -25.41 1.50
CA ALA B 97 -22.50 -24.41 1.75
C ALA B 97 -23.08 -23.18 2.46
N LYS B 98 -22.29 -22.57 3.33
CA LYS B 98 -22.63 -21.25 3.89
C LYS B 98 -22.22 -20.16 2.92
N ASP B 99 -21.07 -20.38 2.29
CA ASP B 99 -20.46 -19.43 1.38
C ASP B 99 -20.04 -20.18 0.13
N PRO B 100 -20.39 -19.66 -1.07
CA PRO B 100 -19.89 -20.29 -2.29
C PRO B 100 -18.37 -20.21 -2.38
N ARG B 101 -17.79 -20.84 -3.39
CA ARG B 101 -16.34 -20.89 -3.59
C ARG B 101 -15.65 -21.79 -2.55
N LYS B 102 -16.43 -22.50 -1.74
CA LYS B 102 -15.90 -23.34 -0.67
C LYS B 102 -16.57 -24.70 -0.72
N LEU B 103 -16.29 -25.42 -1.80
CA LEU B 103 -16.84 -26.76 -2.03
C LEU B 103 -15.77 -27.82 -1.77
N ASP B 104 -14.68 -27.41 -1.12
CA ASP B 104 -13.53 -28.27 -0.86
C ASP B 104 -13.74 -29.16 0.37
N TYR B 105 -14.58 -28.73 1.31
CA TYR B 105 -14.73 -29.42 2.59
C TYR B 105 -15.16 -30.88 2.41
N TRP B 106 -14.71 -31.72 3.34
CA TRP B 106 -14.92 -33.17 3.27
C TRP B 106 -16.35 -33.54 3.61
N GLY B 107 -16.90 -34.53 2.91
CA GLY B 107 -18.27 -34.97 3.11
C GLY B 107 -19.32 -33.89 2.88
N GLN B 108 -18.94 -32.86 2.13
CA GLN B 108 -19.80 -31.71 1.88
C GLN B 108 -20.79 -32.03 0.77
N GLY B 109 -20.40 -32.94 -0.14
CA GLY B 109 -21.25 -33.36 -1.24
C GLY B 109 -21.89 -34.72 -1.01
N THR B 110 -23.01 -34.96 -1.69
CA THR B 110 -23.67 -36.27 -1.67
C THR B 110 -24.33 -36.52 -3.02
N LEU B 111 -24.19 -37.75 -3.53
CA LEU B 111 -24.70 -38.11 -4.85
C LEU B 111 -26.18 -38.47 -4.80
N VAL B 112 -26.97 -37.77 -5.60
CA VAL B 112 -28.39 -38.08 -5.78
C VAL B 112 -28.61 -38.50 -7.23
N THR B 113 -29.09 -39.72 -7.43
CA THR B 113 -29.31 -40.27 -8.78
C THR B 113 -30.77 -40.64 -9.01
N VAL B 114 -31.24 -40.39 -10.23
CA VAL B 114 -32.57 -40.80 -10.67
C VAL B 114 -32.42 -41.84 -11.79
N SER B 115 -33.12 -42.96 -11.65
CA SER B 115 -33.00 -44.07 -12.59
C SER B 115 -33.64 -43.74 -13.94
N GLU C 1 -5.95 5.94 -33.41
CA GLU C 1 -5.35 7.08 -34.17
C GLU C 1 -3.93 7.50 -33.74
N VAL C 2 -3.44 6.96 -32.62
CA VAL C 2 -2.20 7.45 -32.00
C VAL C 2 -0.95 6.93 -32.71
N GLN C 3 0.07 7.78 -32.79
CA GLN C 3 1.39 7.40 -33.33
C GLN C 3 2.50 8.12 -32.57
N LEU C 4 3.55 7.38 -32.22
CA LEU C 4 4.75 7.96 -31.61
C LEU C 4 5.99 7.39 -32.29
N LEU C 5 6.66 8.20 -33.10
CA LEU C 5 7.79 7.76 -33.94
C LEU C 5 9.11 8.36 -33.47
N VAL C 6 10.05 7.49 -33.11
CA VAL C 6 11.33 7.91 -32.51
C VAL C 6 12.50 7.69 -33.47
N SER C 7 13.50 8.56 -33.39
CA SER C 7 14.70 8.48 -34.21
C SER C 7 15.91 9.08 -33.50
N GLY C 8 17.09 8.91 -34.10
CA GLY C 8 18.32 9.52 -33.63
C GLY C 8 19.16 8.66 -32.68
N GLY C 9 19.04 7.35 -32.81
CA GLY C 9 19.81 6.42 -31.97
C GLY C 9 21.09 5.95 -32.64
N GLY C 10 21.57 4.78 -32.24
CA GLY C 10 22.75 4.16 -32.86
C GLY C 10 23.93 3.99 -31.92
N LEU C 11 25.11 3.81 -32.50
CA LEU C 11 26.34 3.60 -31.74
C LEU C 11 26.96 4.94 -31.34
N VAL C 12 27.71 4.94 -30.24
CA VAL C 12 28.35 6.16 -29.74
C VAL C 12 29.49 5.82 -28.76
N GLN C 13 30.47 6.73 -28.67
CA GLN C 13 31.63 6.53 -27.80
C GLN C 13 31.30 6.83 -26.33
N PRO C 14 32.13 6.34 -25.39
CA PRO C 14 32.01 6.77 -23.99
C PRO C 14 32.32 8.26 -23.82
N GLY C 15 31.44 8.96 -23.13
CA GLY C 15 31.54 10.42 -23.01
C GLY C 15 31.13 11.13 -24.29
N GLY C 16 30.23 10.51 -25.05
CA GLY C 16 29.77 11.04 -26.33
C GLY C 16 28.52 11.88 -26.21
N SER C 17 27.65 11.83 -27.22
CA SER C 17 26.42 12.60 -27.22
C SER C 17 25.40 12.09 -28.26
N LEU C 18 24.13 12.13 -27.89
CA LEU C 18 23.03 11.80 -28.80
C LEU C 18 21.77 12.59 -28.47
N ARG C 19 20.95 12.84 -29.47
CA ARG C 19 19.68 13.57 -29.29
C ARG C 19 18.55 12.79 -29.96
N LEU C 20 17.59 12.36 -29.14
CA LEU C 20 16.43 11.59 -29.63
C LEU C 20 15.26 12.52 -29.91
N SER C 21 14.42 12.13 -30.88
CA SER C 21 13.23 12.91 -31.25
C SER C 21 12.04 11.98 -31.39
N CYS C 22 10.94 12.29 -30.69
CA CYS C 22 9.72 11.47 -30.71
C CYS C 22 8.58 12.21 -31.40
N ALA C 23 8.35 11.91 -32.68
CA ALA C 23 7.29 12.54 -33.45
C ALA C 23 5.91 12.06 -33.02
N ALA C 24 5.08 13.00 -32.56
CA ALA C 24 3.77 12.67 -31.99
C ALA C 24 2.62 13.09 -32.91
N SER C 25 1.55 12.30 -32.89
CA SER C 25 0.33 12.60 -33.66
C SER C 25 -0.82 11.68 -33.25
N GLY C 26 -2.05 12.14 -33.48
CA GLY C 26 -3.25 11.38 -33.16
C GLY C 26 -3.88 11.69 -31.81
N PHE C 27 -3.38 12.73 -31.14
CA PHE C 27 -3.91 13.16 -29.85
C PHE C 27 -3.43 14.57 -29.51
N THR C 28 -4.00 15.16 -28.46
CA THR C 28 -3.68 16.52 -28.06
C THR C 28 -2.35 16.58 -27.28
N PHE C 29 -1.24 16.47 -28.01
CA PHE C 29 0.12 16.45 -27.44
C PHE C 29 0.35 17.52 -26.36
N LYS C 30 -0.17 18.72 -26.58
CA LYS C 30 0.04 19.85 -25.69
C LYS C 30 -0.58 19.66 -24.29
N ALA C 31 -1.67 18.92 -24.23
CA ALA C 31 -2.40 18.71 -22.97
C ALA C 31 -1.71 17.72 -22.02
N TYR C 32 -1.04 16.73 -22.58
CA TYR C 32 -0.44 15.65 -21.79
C TYR C 32 1.01 15.93 -21.38
N PRO C 33 1.44 15.37 -20.24
CA PRO C 33 2.87 15.22 -19.97
C PRO C 33 3.44 14.05 -20.78
N MET C 34 4.76 14.05 -20.98
CA MET C 34 5.42 12.98 -21.73
C MET C 34 6.59 12.43 -20.95
N MET C 35 7.08 11.27 -21.36
CA MET C 35 8.15 10.57 -20.64
C MET C 35 9.01 9.69 -21.53
N TRP C 36 10.23 9.43 -21.08
CA TRP C 36 11.12 8.47 -21.70
C TRP C 36 11.39 7.33 -20.71
N VAL C 37 11.44 6.12 -21.25
CA VAL C 37 11.82 4.94 -20.47
C VAL C 37 12.81 4.13 -21.29
N ARG C 38 13.48 3.18 -20.64
CA ARG C 38 14.47 2.35 -21.33
C ARG C 38 14.51 0.93 -20.78
N GLN C 39 14.98 0.01 -21.62
CA GLN C 39 15.13 -1.40 -21.24
C GLN C 39 16.53 -1.89 -21.61
N ALA C 40 17.33 -2.23 -20.61
CA ALA C 40 18.64 -2.82 -20.83
C ALA C 40 18.47 -4.31 -21.15
N PRO C 41 19.40 -4.88 -21.95
CA PRO C 41 19.31 -6.30 -22.30
C PRO C 41 19.48 -7.22 -21.09
N GLY C 42 18.44 -8.01 -20.80
CA GLY C 42 18.44 -8.91 -19.65
C GLY C 42 18.02 -8.27 -18.34
N LYS C 43 17.26 -7.18 -18.43
CA LYS C 43 16.75 -6.47 -17.26
C LYS C 43 15.36 -5.93 -17.52
N GLY C 44 14.67 -5.53 -16.44
CA GLY C 44 13.32 -4.98 -16.54
C GLY C 44 13.31 -3.54 -17.01
N LEU C 45 12.15 -2.91 -16.95
CA LEU C 45 11.99 -1.52 -17.36
C LEU C 45 12.57 -0.55 -16.35
N GLU C 46 12.97 0.62 -16.82
CA GLU C 46 13.51 1.68 -15.98
C GLU C 46 12.99 3.04 -16.46
N TRP C 47 12.51 3.84 -15.51
CA TRP C 47 12.00 5.17 -15.81
C TRP C 47 13.18 6.16 -15.88
N VAL C 48 13.19 6.99 -16.92
CA VAL C 48 14.30 7.92 -17.17
C VAL C 48 13.92 9.35 -16.83
N SER C 49 12.87 9.86 -17.45
CA SER C 49 12.51 11.27 -17.32
C SER C 49 11.04 11.56 -17.66
N GLU C 50 10.53 12.66 -17.10
CA GLU C 50 9.22 13.22 -17.45
C GLU C 50 9.32 14.71 -17.73
N ILE C 51 8.37 15.22 -18.49
CA ILE C 51 8.22 16.66 -18.72
C ILE C 51 6.73 17.01 -18.67
N SER C 52 6.43 18.13 -18.02
CA SER C 52 5.04 18.58 -17.86
C SER C 52 4.48 19.10 -19.20
N PRO C 53 3.15 19.32 -19.27
CA PRO C 53 2.54 19.70 -20.56
C PRO C 53 3.05 21.03 -21.11
N SER C 54 3.16 22.03 -20.24
CA SER C 54 3.68 23.34 -20.62
C SER C 54 5.20 23.31 -20.84
N GLY C 55 5.88 22.38 -20.16
CA GLY C 55 7.34 22.28 -20.22
C GLY C 55 8.03 23.05 -19.11
N SER C 56 7.25 23.46 -18.11
CA SER C 56 7.77 24.25 -16.99
C SER C 56 8.40 23.38 -15.90
N TYR C 57 8.01 22.11 -15.84
CA TYR C 57 8.55 21.17 -14.86
C TYR C 57 9.16 19.94 -15.55
N THR C 58 10.44 19.70 -15.29
CA THR C 58 11.15 18.53 -15.79
C THR C 58 11.51 17.61 -14.62
N TYR C 59 11.48 16.31 -14.86
CA TYR C 59 11.86 15.32 -13.85
C TYR C 59 12.86 14.34 -14.45
N TYR C 60 13.81 13.90 -13.63
CA TYR C 60 14.83 12.95 -14.07
C TYR C 60 15.05 11.85 -13.04
N ALA C 61 15.61 10.73 -13.49
CA ALA C 61 15.94 9.62 -12.61
C ALA C 61 17.21 9.93 -11.81
N ASP C 62 17.44 9.17 -10.75
CA ASP C 62 18.61 9.35 -9.89
C ASP C 62 19.92 9.07 -10.63
N SER C 63 19.88 8.19 -11.62
CA SER C 63 21.06 7.82 -12.39
C SER C 63 21.46 8.88 -13.42
N VAL C 64 20.48 9.34 -14.20
CA VAL C 64 20.75 10.19 -15.36
C VAL C 64 20.85 11.70 -15.06
N LYS C 65 20.21 12.13 -13.97
CA LYS C 65 20.13 13.57 -13.64
C LYS C 65 21.48 14.28 -13.76
N GLY C 66 21.45 15.47 -14.39
CA GLY C 66 22.66 16.26 -14.61
C GLY C 66 23.20 16.11 -16.02
N ARG C 67 23.21 14.86 -16.51
CA ARG C 67 23.69 14.56 -17.86
C ARG C 67 22.59 14.69 -18.91
N PHE C 68 21.41 14.18 -18.58
CA PHE C 68 20.28 14.11 -19.52
C PHE C 68 19.42 15.36 -19.47
N THR C 69 18.87 15.75 -20.62
CA THR C 69 18.00 16.92 -20.73
C THR C 69 16.78 16.58 -21.57
N ILE C 70 15.59 16.71 -20.97
CA ILE C 70 14.33 16.49 -21.67
C ILE C 70 13.75 17.83 -22.08
N SER C 71 13.06 17.84 -23.22
CA SER C 71 12.42 19.07 -23.73
C SER C 71 11.35 18.74 -24.76
N ARG C 72 10.55 19.73 -25.11
CA ARG C 72 9.45 19.55 -26.04
C ARG C 72 9.14 20.81 -26.84
N ASP C 73 8.67 20.60 -28.07
CA ASP C 73 8.17 21.69 -28.91
C ASP C 73 6.68 21.43 -29.15
N ASN C 74 5.84 22.11 -28.36
CA ASN C 74 4.38 21.91 -28.41
C ASN C 74 3.76 22.26 -29.76
N SER C 75 4.35 23.21 -30.48
CA SER C 75 3.88 23.60 -31.81
C SER C 75 4.19 22.52 -32.85
N LYS C 76 5.42 22.00 -32.82
CA LYS C 76 5.85 20.97 -33.77
C LYS C 76 5.46 19.55 -33.35
N ASN C 77 4.93 19.39 -32.13
CA ASN C 77 4.44 18.10 -31.62
C ASN C 77 5.55 17.06 -31.58
N THR C 78 6.61 17.38 -30.83
CA THR C 78 7.77 16.50 -30.70
C THR C 78 8.33 16.52 -29.28
N LEU C 79 8.87 15.38 -28.85
CA LEU C 79 9.54 15.26 -27.57
C LEU C 79 11.01 14.97 -27.83
N TYR C 80 11.89 15.69 -27.14
CA TYR C 80 13.34 15.52 -27.31
C TYR C 80 13.99 15.03 -26.01
N LEU C 81 15.03 14.22 -26.16
CA LEU C 81 15.87 13.80 -25.04
C LEU C 81 17.34 13.96 -25.41
N GLN C 82 17.97 14.98 -24.85
CA GLN C 82 19.40 15.23 -25.09
C GLN C 82 20.21 14.41 -24.10
N MET C 83 20.90 13.39 -24.60
CA MET C 83 21.70 12.48 -23.79
C MET C 83 23.18 12.84 -23.92
N ASN C 84 23.83 13.14 -22.78
CA ASN C 84 25.25 13.51 -22.77
C ASN C 84 26.05 12.67 -21.79
N SER C 85 27.37 12.67 -21.97
CA SER C 85 28.30 11.94 -21.10
C SER C 85 27.86 10.50 -20.85
N LEU C 86 27.61 9.77 -21.94
CA LEU C 86 27.04 8.43 -21.86
C LEU C 86 28.08 7.42 -21.35
N ARG C 87 27.61 6.41 -20.63
CA ARG C 87 28.46 5.37 -20.06
C ARG C 87 28.00 3.99 -20.51
N ALA C 88 28.72 2.96 -20.10
CA ALA C 88 28.37 1.57 -20.40
C ALA C 88 26.95 1.20 -19.92
N GLU C 89 26.58 1.73 -18.75
CA GLU C 89 25.27 1.43 -18.15
C GLU C 89 24.07 1.96 -18.95
N ASP C 90 24.27 3.01 -19.74
CA ASP C 90 23.19 3.65 -20.49
C ASP C 90 22.72 2.87 -21.72
N THR C 91 23.42 1.78 -22.07
CA THR C 91 23.04 0.95 -23.21
C THR C 91 21.67 0.30 -22.99
N ALA C 92 20.71 0.70 -23.82
CA ALA C 92 19.33 0.19 -23.73
C ALA C 92 18.52 0.58 -24.97
N VAL C 93 17.28 0.09 -25.04
CA VAL C 93 16.31 0.53 -26.04
C VAL C 93 15.42 1.59 -25.38
N TYR C 94 15.30 2.75 -26.02
CA TYR C 94 14.60 3.89 -25.43
C TYR C 94 13.22 4.09 -26.04
N TYR C 95 12.20 4.13 -25.17
CA TYR C 95 10.80 4.24 -25.59
C TYR C 95 10.21 5.55 -25.08
N CYS C 96 9.42 6.21 -25.94
CA CYS C 96 8.72 7.43 -25.61
C CYS C 96 7.22 7.15 -25.62
N ALA C 97 6.51 7.57 -24.57
CA ALA C 97 5.07 7.32 -24.47
C ALA C 97 4.36 8.26 -23.48
N LYS C 98 3.14 8.64 -23.81
CA LYS C 98 2.29 9.40 -22.89
C LYS C 98 1.73 8.46 -21.83
N ASP C 99 1.22 7.32 -22.29
CA ASP C 99 0.72 6.27 -21.41
C ASP C 99 1.87 5.31 -21.10
N PRO C 100 2.22 5.14 -19.80
CA PRO C 100 3.31 4.21 -19.45
C PRO C 100 2.96 2.72 -19.61
N ARG C 101 1.66 2.42 -19.74
CA ARG C 101 1.23 1.05 -19.97
C ARG C 101 1.49 0.61 -21.40
N LYS C 102 0.93 1.34 -22.36
CA LYS C 102 0.98 0.97 -23.78
C LYS C 102 2.33 1.33 -24.41
N LEU C 103 3.12 0.31 -24.74
CA LEU C 103 4.40 0.50 -25.41
C LEU C 103 4.46 -0.37 -26.68
N ASP C 104 5.59 -0.33 -27.38
CA ASP C 104 5.87 -1.17 -28.55
C ASP C 104 5.11 -0.79 -29.83
N TYR C 105 4.75 0.49 -29.97
CA TYR C 105 4.28 1.01 -31.25
C TYR C 105 5.50 1.09 -32.16
N TRP C 106 5.30 0.84 -33.45
CA TRP C 106 6.43 0.70 -34.39
C TRP C 106 7.52 1.74 -34.18
N GLY C 107 7.12 2.98 -33.95
CA GLY C 107 8.05 4.08 -33.81
C GLY C 107 8.78 4.20 -32.48
N GLN C 108 8.09 3.88 -31.38
CA GLN C 108 8.60 4.16 -30.02
C GLN C 108 10.04 3.73 -29.76
N GLY C 109 10.38 2.50 -30.10
CA GLY C 109 11.68 1.93 -29.76
C GLY C 109 12.82 2.40 -30.64
N THR C 110 13.97 2.65 -30.02
CA THR C 110 15.23 2.90 -30.73
C THR C 110 16.40 2.41 -29.89
N LEU C 111 17.28 1.62 -30.51
CA LEU C 111 18.39 0.99 -29.78
C LEU C 111 19.60 1.91 -29.70
N VAL C 112 20.01 2.22 -28.47
CA VAL C 112 21.19 3.04 -28.22
C VAL C 112 22.28 2.16 -27.61
N THR C 113 23.46 2.18 -28.22
CA THR C 113 24.59 1.37 -27.75
C THR C 113 25.82 2.23 -27.50
N VAL C 114 26.47 2.01 -26.36
CA VAL C 114 27.71 2.69 -26.02
C VAL C 114 28.88 1.76 -26.34
N SER C 115 29.73 2.18 -27.28
CA SER C 115 30.81 1.34 -27.80
C SER C 115 31.98 1.20 -26.84
N SER C 116 32.88 0.26 -27.15
CA SER C 116 34.08 0.01 -26.36
C SER C 116 35.32 0.34 -27.18
N GLU D 13 -22.79 -14.48 -25.02
CA GLU D 13 -22.27 -15.21 -23.82
C GLU D 13 -22.66 -14.50 -22.53
N VAL D 14 -23.70 -15.00 -21.87
CA VAL D 14 -24.21 -14.42 -20.63
C VAL D 14 -23.50 -15.03 -19.44
N VAL D 15 -23.30 -14.22 -18.39
CA VAL D 15 -22.66 -14.69 -17.16
C VAL D 15 -23.70 -15.47 -16.34
N LYS D 16 -23.31 -16.67 -15.89
CA LYS D 16 -24.24 -17.56 -15.19
C LYS D 16 -24.32 -17.27 -13.69
N PHE D 17 -25.51 -17.43 -13.13
CA PHE D 17 -25.84 -16.98 -11.77
C PHE D 17 -24.83 -17.40 -10.70
N MET D 18 -24.37 -18.65 -10.75
CA MET D 18 -23.38 -19.14 -9.79
C MET D 18 -22.06 -18.41 -9.92
N ASP D 19 -21.63 -18.16 -11.16
CA ASP D 19 -20.38 -17.43 -11.41
C ASP D 19 -20.48 -15.95 -11.03
N VAL D 20 -21.70 -15.41 -10.99
CA VAL D 20 -21.94 -14.07 -10.46
C VAL D 20 -21.82 -14.11 -8.94
N TYR D 21 -22.62 -14.97 -8.32
CA TYR D 21 -22.67 -15.11 -6.87
C TYR D 21 -21.28 -15.41 -6.29
N GLN D 22 -20.56 -16.32 -6.94
CA GLN D 22 -19.20 -16.67 -6.52
C GLN D 22 -18.27 -15.46 -6.62
N ARG D 23 -18.08 -14.96 -7.84
CA ARG D 23 -17.10 -13.90 -8.09
C ARG D 23 -17.46 -12.54 -7.46
N SER D 24 -18.72 -12.36 -7.06
CA SER D 24 -19.16 -11.13 -6.39
C SER D 24 -19.11 -11.22 -4.86
N TYR D 25 -18.82 -12.40 -4.32
CA TYR D 25 -18.79 -12.58 -2.86
C TYR D 25 -17.53 -11.98 -2.25
N CYS D 26 -17.67 -11.51 -1.00
CA CYS D 26 -16.59 -10.89 -0.24
C CYS D 26 -15.26 -11.65 -0.33
N HIS D 27 -14.28 -11.05 -1.01
CA HIS D 27 -12.94 -11.62 -1.14
C HIS D 27 -11.91 -10.52 -1.42
N PRO D 28 -10.63 -10.75 -1.08
CA PRO D 28 -9.58 -9.78 -1.42
C PRO D 28 -9.47 -9.55 -2.93
N ILE D 29 -9.54 -8.28 -3.33
CA ILE D 29 -9.47 -7.90 -4.75
C ILE D 29 -8.53 -6.70 -4.90
N GLU D 30 -7.85 -6.63 -6.04
CA GLU D 30 -6.92 -5.52 -6.31
C GLU D 30 -7.69 -4.21 -6.42
N THR D 31 -7.31 -3.26 -5.56
CA THR D 31 -8.01 -1.99 -5.43
C THR D 31 -7.00 -0.84 -5.43
N LEU D 32 -7.27 0.18 -6.23
CA LEU D 32 -6.37 1.33 -6.35
C LEU D 32 -6.79 2.42 -5.35
N VAL D 33 -5.83 2.85 -4.53
CA VAL D 33 -6.11 3.78 -3.43
C VAL D 33 -5.17 4.97 -3.48
N ASP D 34 -5.71 6.18 -3.29
CA ASP D 34 -4.91 7.40 -3.20
C ASP D 34 -3.97 7.34 -2.01
N ILE D 35 -2.78 7.93 -2.15
CA ILE D 35 -1.83 8.03 -1.04
C ILE D 35 -2.34 9.04 0.00
N PHE D 36 -3.03 10.07 -0.47
CA PHE D 36 -3.56 11.11 0.41
C PHE D 36 -4.70 10.60 1.30
N GLN D 37 -5.35 9.52 0.88
CA GLN D 37 -6.29 8.79 1.75
C GLN D 37 -5.55 8.16 2.93
N GLU D 38 -4.42 7.53 2.64
CA GLU D 38 -3.67 6.77 3.64
C GLU D 38 -2.67 7.63 4.42
N TYR D 39 -2.22 8.73 3.81
CA TYR D 39 -1.31 9.67 4.45
C TYR D 39 -1.85 11.09 4.31
N PRO D 40 -2.85 11.46 5.14
CA PRO D 40 -3.47 12.78 5.07
C PRO D 40 -2.52 13.94 5.43
N ASP D 41 -1.65 13.74 6.42
CA ASP D 41 -0.72 14.78 6.85
C ASP D 41 0.49 14.90 5.91
N GLU D 42 0.20 15.13 4.64
CA GLU D 42 1.23 15.31 3.61
C GLU D 42 0.75 16.40 2.63
N ILE D 43 0.32 17.52 3.20
CA ILE D 43 -0.21 18.64 2.40
C ILE D 43 0.88 19.27 1.54
N GLU D 44 2.10 19.33 2.08
CA GLU D 44 3.22 20.00 1.41
C GLU D 44 3.65 19.34 0.09
N TYR D 45 3.48 18.02 0.00
CA TYR D 45 4.06 17.25 -1.10
C TYR D 45 3.04 16.67 -2.08
N ILE D 46 3.54 16.26 -3.23
CA ILE D 46 2.76 15.52 -4.22
C ILE D 46 3.47 14.19 -4.46
N PHE D 47 2.70 13.11 -4.52
CA PHE D 47 3.24 11.77 -4.76
C PHE D 47 2.82 11.27 -6.14
N LYS D 48 3.78 10.70 -6.87
CA LYS D 48 3.52 10.12 -8.19
C LYS D 48 4.03 8.68 -8.26
N PRO D 49 3.17 7.72 -8.61
CA PRO D 49 1.73 7.96 -8.85
C PRO D 49 0.98 8.24 -7.55
N SER D 50 -0.10 9.01 -7.64
CA SER D 50 -0.90 9.37 -6.47
C SER D 50 -1.66 8.17 -5.90
N CYS D 51 -2.03 7.24 -6.77
CA CYS D 51 -2.73 6.02 -6.36
C CYS D 51 -1.82 4.80 -6.46
N VAL D 52 -2.10 3.77 -5.65
CA VAL D 52 -1.30 2.54 -5.63
C VAL D 52 -2.20 1.29 -5.60
N PRO D 53 -1.71 0.16 -6.17
CA PRO D 53 -2.50 -1.06 -6.24
C PRO D 53 -2.35 -1.94 -4.99
N LEU D 54 -3.42 -2.05 -4.21
CA LEU D 54 -3.41 -2.82 -2.97
C LEU D 54 -4.56 -3.83 -2.92
N MET D 55 -4.33 -4.94 -2.23
CA MET D 55 -5.39 -5.94 -2.03
C MET D 55 -6.26 -5.54 -0.85
N ARG D 56 -7.53 -5.26 -1.11
CA ARG D 56 -8.47 -4.84 -0.08
C ARG D 56 -9.78 -5.63 -0.16
N CYS D 57 -10.60 -5.51 0.88
CA CYS D 57 -11.81 -6.33 1.01
C CYS D 57 -12.95 -5.75 0.18
N GLY D 58 -13.06 -6.23 -1.05
CA GLY D 58 -14.16 -5.87 -1.94
C GLY D 58 -15.19 -6.97 -2.00
N GLY D 59 -16.42 -6.61 -2.33
CA GLY D 59 -17.52 -7.58 -2.47
C GLY D 59 -18.70 -7.28 -1.57
N CYS D 60 -19.65 -8.22 -1.53
CA CYS D 60 -20.87 -8.06 -0.76
C CYS D 60 -21.31 -9.39 -0.16
N CYS D 61 -21.92 -9.32 1.02
CA CYS D 61 -22.34 -10.52 1.77
C CYS D 61 -23.77 -10.93 1.44
N ASN D 62 -24.18 -12.07 1.97
CA ASN D 62 -25.52 -12.62 1.72
C ASN D 62 -26.63 -11.78 2.34
N ASP D 63 -26.47 -11.48 3.63
CA ASP D 63 -27.55 -10.89 4.44
C ASP D 63 -27.28 -9.42 4.79
N GLU D 64 -28.36 -8.70 5.09
CA GLU D 64 -28.30 -7.32 5.57
C GLU D 64 -27.45 -7.17 6.83
N GLY D 65 -27.58 -8.13 7.74
CA GLY D 65 -26.87 -8.08 9.03
C GLY D 65 -25.41 -8.50 9.01
N LEU D 66 -24.87 -8.81 7.83
CA LEU D 66 -23.47 -9.21 7.69
C LEU D 66 -22.66 -8.14 6.94
N GLU D 67 -21.41 -7.96 7.36
CA GLU D 67 -20.50 -6.99 6.74
C GLU D 67 -19.16 -7.64 6.38
N CYS D 68 -18.67 -7.34 5.18
CA CYS D 68 -17.40 -7.89 4.68
C CYS D 68 -16.23 -7.13 5.31
N VAL D 69 -15.52 -7.79 6.23
CA VAL D 69 -14.44 -7.16 7.00
C VAL D 69 -13.13 -7.94 6.89
N PRO D 70 -11.98 -7.26 7.08
CA PRO D 70 -10.69 -7.94 7.06
C PRO D 70 -10.46 -8.80 8.30
N THR D 71 -10.09 -10.07 8.08
CA THR D 71 -9.73 -10.97 9.17
C THR D 71 -8.22 -10.96 9.40
N GLU D 72 -7.46 -10.94 8.31
CA GLU D 72 -6.00 -11.01 8.36
C GLU D 72 -5.40 -9.87 7.54
N GLU D 73 -4.36 -9.23 8.09
CA GLU D 73 -3.72 -8.08 7.44
C GLU D 73 -2.21 -8.27 7.32
N SER D 74 -1.59 -7.44 6.48
CA SER D 74 -0.13 -7.42 6.31
C SER D 74 0.30 -6.14 5.60
N ASN D 75 1.58 -5.79 5.74
CA ASN D 75 2.13 -4.59 5.13
C ASN D 75 2.94 -4.87 3.86
N ILE D 76 2.95 -3.91 2.95
CA ILE D 76 3.65 -4.03 1.66
C ILE D 76 4.37 -2.73 1.33
N THR D 77 5.63 -2.84 0.90
CA THR D 77 6.46 -1.67 0.59
C THR D 77 6.54 -1.44 -0.92
N MET D 78 6.55 -0.17 -1.33
CA MET D 78 6.61 0.21 -2.74
C MET D 78 7.50 1.42 -2.95
N GLN D 79 8.09 1.52 -4.14
CA GLN D 79 8.89 2.68 -4.52
C GLN D 79 7.99 3.80 -5.03
N ILE D 80 7.93 4.90 -4.27
CA ILE D 80 7.10 6.05 -4.60
C ILE D 80 7.98 7.29 -4.77
N MET D 81 7.60 8.17 -5.69
CA MET D 81 8.30 9.43 -5.91
C MET D 81 7.60 10.55 -5.14
N ARG D 82 8.28 11.11 -4.15
CA ARG D 82 7.80 12.33 -3.47
C ARG D 82 8.36 13.55 -4.17
N ILE D 83 7.48 14.47 -4.57
CA ILE D 83 7.89 15.71 -5.21
C ILE D 83 7.57 16.90 -4.30
N LYS D 84 8.58 17.73 -4.06
CA LYS D 84 8.40 19.02 -3.41
C LYS D 84 8.47 20.08 -4.52
N PRO D 85 7.35 20.79 -4.78
CA PRO D 85 7.29 21.73 -5.90
C PRO D 85 8.46 22.71 -5.97
N HIS D 86 9.10 22.78 -7.14
CA HIS D 86 10.24 23.69 -7.39
C HIS D 86 11.46 23.45 -6.49
N GLN D 87 11.55 22.26 -5.88
CA GLN D 87 12.66 21.94 -4.98
C GLN D 87 13.09 20.47 -5.12
N GLY D 88 13.04 19.95 -6.34
CA GLY D 88 13.47 18.59 -6.63
C GLY D 88 12.51 17.52 -6.15
N GLN D 89 12.97 16.27 -6.20
CA GLN D 89 12.16 15.10 -5.82
C GLN D 89 13.08 13.92 -5.49
N HIS D 90 12.49 12.80 -5.09
CA HIS D 90 13.25 11.61 -4.74
C HIS D 90 12.38 10.34 -4.70
N ILE D 91 12.92 9.25 -5.23
CA ILE D 91 12.26 7.94 -5.17
C ILE D 91 12.56 7.32 -3.81
N GLY D 92 11.52 7.03 -3.04
CA GLY D 92 11.68 6.44 -1.70
C GLY D 92 10.72 5.29 -1.46
N GLU D 93 11.01 4.50 -0.42
CA GLU D 93 10.22 3.31 -0.10
C GLU D 93 9.12 3.61 0.91
N MET D 94 7.86 3.42 0.49
CA MET D 94 6.69 3.67 1.33
C MET D 94 5.96 2.38 1.64
N SER D 95 5.65 2.16 2.92
CA SER D 95 4.88 0.99 3.34
C SER D 95 3.38 1.27 3.19
N PHE D 96 2.60 0.21 2.98
CA PHE D 96 1.16 0.30 2.85
C PHE D 96 0.48 -0.93 3.45
N LEU D 97 -0.75 -0.77 3.92
CA LEU D 97 -1.51 -1.85 4.54
C LEU D 97 -2.45 -2.50 3.52
N GLN D 98 -2.38 -3.83 3.41
CA GLN D 98 -3.26 -4.59 2.53
C GLN D 98 -3.83 -5.80 3.26
N HIS D 99 -4.93 -6.34 2.73
CA HIS D 99 -5.66 -7.43 3.37
C HIS D 99 -5.43 -8.76 2.66
N ASN D 100 -4.95 -9.74 3.41
CA ASN D 100 -4.68 -11.09 2.87
C ASN D 100 -5.91 -11.97 2.87
N LYS D 101 -6.89 -11.64 3.73
CA LYS D 101 -8.08 -12.47 3.90
C LYS D 101 -9.25 -11.65 4.42
N CYS D 102 -10.45 -11.94 3.92
CA CYS D 102 -11.67 -11.28 4.36
C CYS D 102 -12.72 -12.32 4.76
N GLU D 103 -13.76 -11.86 5.45
CA GLU D 103 -14.87 -12.72 5.87
C GLU D 103 -16.08 -11.88 6.27
N CYS D 104 -17.27 -12.41 6.02
CA CYS D 104 -18.51 -11.76 6.43
C CYS D 104 -18.75 -12.04 7.92
N ARG D 105 -18.95 -10.97 8.69
CA ARG D 105 -19.22 -11.06 10.13
C ARG D 105 -20.47 -10.27 10.49
N PRO D 106 -21.10 -10.59 11.64
CA PRO D 106 -22.24 -9.82 12.15
C PRO D 106 -21.93 -8.33 12.30
N LYS D 107 -22.89 -7.48 11.94
CA LYS D 107 -22.71 -6.02 11.97
C LYS D 107 -22.68 -5.43 13.39
N LYS D 108 -23.22 -6.16 14.36
CA LYS D 108 -23.25 -5.73 15.76
C LYS D 108 -24.20 -4.56 15.96
N HIS E 12 11.21 -11.71 -1.11
CA HIS E 12 11.35 -10.23 -1.13
C HIS E 12 9.97 -9.57 -1.29
N GLU E 13 9.79 -8.42 -0.64
CA GLU E 13 8.49 -7.74 -0.60
C GLU E 13 8.60 -6.24 -0.85
N VAL E 14 9.23 -5.88 -1.98
CA VAL E 14 9.28 -4.49 -2.42
C VAL E 14 8.90 -4.39 -3.90
N VAL E 15 8.02 -3.45 -4.22
CA VAL E 15 7.56 -3.24 -5.59
C VAL E 15 8.41 -2.15 -6.22
N LYS E 16 8.75 -2.33 -7.50
CA LYS E 16 9.58 -1.37 -8.23
C LYS E 16 8.75 -0.23 -8.80
N PHE E 17 9.36 0.96 -8.85
CA PHE E 17 8.67 2.20 -9.24
C PHE E 17 7.95 2.09 -10.59
N MET E 18 8.64 1.56 -11.60
CA MET E 18 8.05 1.39 -12.92
C MET E 18 6.85 0.44 -12.91
N ASP E 19 6.95 -0.61 -12.09
CA ASP E 19 5.84 -1.56 -11.94
C ASP E 19 4.65 -0.92 -11.20
N VAL E 20 4.94 -0.04 -10.24
CA VAL E 20 3.89 0.69 -9.54
C VAL E 20 3.19 1.66 -10.49
N TYR E 21 3.99 2.39 -11.27
CA TYR E 21 3.47 3.39 -12.21
C TYR E 21 2.52 2.74 -13.21
N GLN E 22 2.98 1.67 -13.84
CA GLN E 22 2.19 0.97 -14.86
C GLN E 22 0.85 0.45 -14.33
N ARG E 23 0.90 -0.21 -13.18
CA ARG E 23 -0.30 -0.80 -12.57
C ARG E 23 -1.27 0.25 -12.04
N SER E 24 -0.74 1.39 -11.62
CA SER E 24 -1.55 2.47 -11.04
C SER E 24 -2.24 3.33 -12.10
N TYR E 25 -1.61 3.48 -13.27
CA TYR E 25 -2.10 4.38 -14.31
C TYR E 25 -3.52 4.03 -14.77
N CYS E 26 -4.26 5.07 -15.18
CA CYS E 26 -5.65 4.93 -15.62
C CYS E 26 -5.85 3.81 -16.62
N HIS E 27 -6.66 2.82 -16.26
CA HIS E 27 -6.94 1.67 -17.11
C HIS E 27 -8.21 0.94 -16.63
N PRO E 28 -8.77 0.04 -17.48
CA PRO E 28 -9.89 -0.78 -17.05
C PRO E 28 -9.49 -1.81 -16.00
N ILE E 29 -10.27 -1.91 -14.92
CA ILE E 29 -9.99 -2.83 -13.83
C ILE E 29 -11.29 -3.43 -13.31
N GLU E 30 -11.21 -4.66 -12.81
CA GLU E 30 -12.37 -5.34 -12.24
C GLU E 30 -12.84 -4.63 -10.96
N THR E 31 -14.12 -4.25 -10.93
CA THR E 31 -14.68 -3.48 -9.83
C THR E 31 -16.04 -4.06 -9.43
N LEU E 32 -16.24 -4.23 -8.13
CA LEU E 32 -17.49 -4.79 -7.60
C LEU E 32 -18.42 -3.66 -7.16
N VAL E 33 -19.51 -3.48 -7.91
CA VAL E 33 -20.41 -2.34 -7.73
C VAL E 33 -21.81 -2.80 -7.34
N ASP E 34 -22.43 -2.08 -6.39
CA ASP E 34 -23.81 -2.38 -5.96
C ASP E 34 -24.81 -2.06 -7.06
N ILE E 35 -25.96 -2.74 -7.02
CA ILE E 35 -27.00 -2.58 -8.03
C ILE E 35 -27.88 -1.35 -7.75
N PHE E 36 -28.09 -1.03 -6.48
CA PHE E 36 -28.83 0.18 -6.08
C PHE E 36 -28.22 1.47 -6.64
N GLN E 37 -26.91 1.46 -6.90
CA GLN E 37 -26.24 2.60 -7.52
C GLN E 37 -26.61 2.71 -8.99
N GLU E 38 -26.52 1.59 -9.72
CA GLU E 38 -26.79 1.56 -11.15
C GLU E 38 -28.27 1.68 -11.48
N TYR E 39 -29.13 1.17 -10.60
CA TYR E 39 -30.58 1.25 -10.77
C TYR E 39 -31.20 1.86 -9.51
N PRO E 40 -31.10 3.21 -9.37
CA PRO E 40 -31.64 3.88 -8.19
C PRO E 40 -33.16 3.82 -8.06
N ASP E 41 -33.87 3.69 -9.17
CA ASP E 41 -35.33 3.64 -9.19
C ASP E 41 -35.84 2.21 -9.02
N GLU E 42 -35.39 1.54 -7.96
CA GLU E 42 -35.82 0.17 -7.64
C GLU E 42 -35.85 0.01 -6.13
N ILE E 43 -36.67 0.83 -5.46
CA ILE E 43 -36.77 0.85 -4.00
C ILE E 43 -37.58 -0.34 -3.50
N GLU E 44 -38.61 -0.73 -4.25
CA GLU E 44 -39.42 -1.90 -3.92
C GLU E 44 -38.58 -3.17 -3.85
N TYR E 45 -37.64 -3.32 -4.78
CA TYR E 45 -36.96 -4.59 -5.02
C TYR E 45 -35.62 -4.72 -4.30
N ILE E 46 -35.32 -5.95 -3.86
CA ILE E 46 -34.02 -6.32 -3.30
C ILE E 46 -33.37 -7.29 -4.27
N PHE E 47 -32.06 -7.16 -4.47
CA PHE E 47 -31.34 -7.92 -5.49
C PHE E 47 -30.27 -8.82 -4.84
N LYS E 48 -30.17 -10.05 -5.34
CA LYS E 48 -29.22 -11.03 -4.83
C LYS E 48 -28.47 -11.70 -6.00
N PRO E 49 -27.14 -11.56 -6.07
CA PRO E 49 -26.33 -10.78 -5.13
C PRO E 49 -26.47 -9.28 -5.37
N SER E 50 -26.25 -8.49 -4.33
CA SER E 50 -26.42 -7.04 -4.40
C SER E 50 -25.35 -6.35 -5.25
N CYS E 51 -24.14 -6.91 -5.28
CA CYS E 51 -23.03 -6.33 -6.05
C CYS E 51 -22.63 -7.23 -7.22
N VAL E 52 -21.97 -6.66 -8.22
CA VAL E 52 -21.56 -7.39 -9.43
C VAL E 52 -20.19 -6.93 -9.94
N PRO E 53 -19.40 -7.86 -10.53
CA PRO E 53 -18.09 -7.53 -11.08
C PRO E 53 -18.15 -6.91 -12.47
N LEU E 54 -17.61 -5.70 -12.62
CA LEU E 54 -17.63 -4.97 -13.89
C LEU E 54 -16.27 -4.33 -14.17
N MET E 55 -15.91 -4.25 -15.44
CA MET E 55 -14.70 -3.55 -15.86
C MET E 55 -14.97 -2.05 -15.86
N ARG E 56 -14.32 -1.32 -14.97
CA ARG E 56 -14.50 0.14 -14.86
C ARG E 56 -13.16 0.86 -14.84
N CYS E 57 -13.21 2.18 -14.99
CA CYS E 57 -12.01 3.00 -15.14
C CYS E 57 -11.50 3.47 -13.79
N GLY E 58 -10.65 2.63 -13.19
CA GLY E 58 -9.96 2.98 -11.95
C GLY E 58 -8.55 3.44 -12.26
N GLY E 59 -7.93 4.11 -11.29
CA GLY E 59 -6.57 4.60 -11.43
C GLY E 59 -6.48 6.11 -11.40
N CYS E 60 -5.26 6.63 -11.42
CA CYS E 60 -4.99 8.06 -11.36
C CYS E 60 -4.14 8.49 -12.56
N CYS E 61 -4.15 9.80 -12.83
CA CYS E 61 -3.48 10.36 -14.00
C CYS E 61 -2.20 11.11 -13.63
N ASN E 62 -1.44 11.49 -14.66
CA ASN E 62 -0.16 12.17 -14.49
C ASN E 62 -0.27 13.53 -13.80
N ASP E 63 -1.22 14.34 -14.25
CA ASP E 63 -1.26 15.77 -13.91
C ASP E 63 -2.57 16.16 -13.23
N GLU E 64 -2.54 17.32 -12.56
CA GLU E 64 -3.73 17.94 -11.98
C GLU E 64 -4.85 18.14 -13.01
N GLY E 65 -4.47 18.54 -14.22
CA GLY E 65 -5.43 18.86 -15.28
C GLY E 65 -6.10 17.69 -15.98
N LEU E 66 -5.61 16.47 -15.73
CA LEU E 66 -6.17 15.28 -16.38
C LEU E 66 -7.04 14.45 -15.43
N GLU E 67 -7.98 13.70 -16.01
CA GLU E 67 -8.86 12.80 -15.26
C GLU E 67 -9.09 11.49 -16.02
N CYS E 68 -9.17 10.40 -15.29
CA CYS E 68 -9.36 9.07 -15.87
C CYS E 68 -10.80 8.89 -16.33
N VAL E 69 -11.00 8.77 -17.65
CA VAL E 69 -12.33 8.66 -18.24
C VAL E 69 -12.39 7.56 -19.32
N PRO E 70 -13.59 7.01 -19.58
CA PRO E 70 -13.75 5.96 -20.58
C PRO E 70 -13.88 6.47 -22.01
N THR E 71 -12.95 6.07 -22.87
CA THR E 71 -13.00 6.42 -24.29
C THR E 71 -13.98 5.51 -25.03
N GLU E 72 -13.92 4.21 -24.73
CA GLU E 72 -14.81 3.22 -25.33
C GLU E 72 -15.63 2.51 -24.25
N GLU E 73 -16.81 2.02 -24.62
CA GLU E 73 -17.72 1.35 -23.69
C GLU E 73 -18.34 0.09 -24.31
N SER E 74 -18.94 -0.73 -23.45
CA SER E 74 -19.65 -1.94 -23.88
C SER E 74 -20.52 -2.47 -22.74
N ASN E 75 -21.70 -2.98 -23.06
CA ASN E 75 -22.59 -3.57 -22.07
C ASN E 75 -22.32 -5.06 -21.88
N ILE E 76 -22.84 -5.61 -20.80
CA ILE E 76 -22.72 -7.04 -20.49
C ILE E 76 -23.94 -7.52 -19.73
N THR E 77 -24.41 -8.73 -20.05
CA THR E 77 -25.57 -9.33 -19.40
C THR E 77 -25.14 -10.26 -18.28
N MET E 78 -25.95 -10.33 -17.23
CA MET E 78 -25.68 -11.22 -16.09
C MET E 78 -26.98 -11.80 -15.56
N GLN E 79 -26.92 -13.06 -15.11
CA GLN E 79 -28.06 -13.70 -14.46
C GLN E 79 -28.16 -13.24 -13.01
N ILE E 80 -29.20 -12.47 -12.70
CA ILE E 80 -29.38 -11.86 -11.38
C ILE E 80 -30.78 -12.18 -10.86
N MET E 81 -30.93 -12.22 -9.54
CA MET E 81 -32.23 -12.40 -8.91
C MET E 81 -32.79 -11.06 -8.43
N ARG E 82 -34.09 -10.87 -8.60
CA ARG E 82 -34.81 -9.72 -8.07
C ARG E 82 -35.88 -10.22 -7.11
N ILE E 83 -35.89 -9.66 -5.90
CA ILE E 83 -36.76 -10.12 -4.82
C ILE E 83 -37.74 -9.04 -4.40
N LYS E 84 -39.02 -9.24 -4.71
CA LYS E 84 -40.08 -8.38 -4.22
C LYS E 84 -40.49 -8.87 -2.83
N PRO E 85 -40.33 -8.01 -1.79
CA PRO E 85 -40.61 -8.42 -0.41
C PRO E 85 -41.97 -9.08 -0.19
N HIS E 86 -41.93 -10.38 0.13
CA HIS E 86 -43.12 -11.19 0.41
C HIS E 86 -44.06 -11.36 -0.80
N GLN E 87 -43.54 -11.20 -2.01
CA GLN E 87 -44.35 -11.32 -3.23
C GLN E 87 -43.63 -12.14 -4.31
N GLY E 88 -42.86 -13.13 -3.87
CA GLY E 88 -42.09 -13.96 -4.79
C GLY E 88 -40.84 -13.28 -5.31
N GLN E 89 -39.96 -14.07 -5.91
CA GLN E 89 -38.72 -13.57 -6.51
C GLN E 89 -38.53 -14.20 -7.88
N HIS E 90 -37.46 -13.84 -8.59
CA HIS E 90 -37.23 -14.32 -9.94
C HIS E 90 -35.78 -14.14 -10.37
N ILE E 91 -35.12 -15.23 -10.74
CA ILE E 91 -33.77 -15.17 -11.32
C ILE E 91 -33.91 -14.71 -12.77
N GLY E 92 -33.95 -13.39 -12.96
CA GLY E 92 -34.08 -12.79 -14.28
C GLY E 92 -32.73 -12.47 -14.90
N GLU E 93 -32.70 -11.45 -15.75
CA GLU E 93 -31.47 -11.01 -16.40
C GLU E 93 -31.38 -9.49 -16.37
N MET E 94 -30.17 -8.97 -16.21
CA MET E 94 -29.91 -7.53 -16.19
C MET E 94 -28.64 -7.22 -16.97
N SER E 95 -28.65 -6.09 -17.68
CA SER E 95 -27.47 -5.63 -18.41
C SER E 95 -26.81 -4.49 -17.64
N PHE E 96 -25.48 -4.49 -17.63
CA PHE E 96 -24.70 -3.47 -16.93
C PHE E 96 -23.66 -2.85 -17.86
N LEU E 97 -23.40 -1.57 -17.67
CA LEU E 97 -22.37 -0.86 -18.44
C LEU E 97 -20.99 -1.16 -17.87
N GLN E 98 -20.06 -1.58 -18.73
CA GLN E 98 -18.67 -1.78 -18.33
C GLN E 98 -17.75 -1.09 -19.34
N HIS E 99 -16.77 -0.33 -18.83
CA HIS E 99 -15.89 0.46 -19.68
C HIS E 99 -14.85 -0.44 -20.35
N ASN E 100 -14.63 -0.22 -21.64
CA ASN E 100 -13.79 -1.08 -22.47
C ASN E 100 -12.33 -0.61 -22.47
N LYS E 101 -12.13 0.67 -22.78
CA LYS E 101 -10.80 1.28 -22.79
C LYS E 101 -10.86 2.65 -22.12
N CYS E 102 -9.90 2.92 -21.23
CA CYS E 102 -9.84 4.19 -20.51
C CYS E 102 -8.64 5.00 -20.97
N GLU E 103 -8.72 6.32 -20.77
CA GLU E 103 -7.61 7.23 -21.08
C GLU E 103 -7.77 8.53 -20.31
N CYS E 104 -6.64 9.09 -19.90
CA CYS E 104 -6.63 10.39 -19.22
C CYS E 104 -7.01 11.49 -20.21
N ARG E 105 -7.89 12.40 -19.80
CA ARG E 105 -8.32 13.52 -20.66
C ARG E 105 -8.45 14.81 -19.85
N PRO E 106 -8.29 15.97 -20.52
CA PRO E 106 -8.49 17.28 -19.89
C PRO E 106 -9.84 17.43 -19.19
N LYS E 107 -9.85 18.12 -18.05
CA LYS E 107 -11.06 18.28 -17.23
C LYS E 107 -12.06 19.28 -17.81
N LYS E 108 -11.55 20.28 -18.54
CA LYS E 108 -12.38 21.30 -19.17
C LYS E 108 -13.11 22.16 -18.14
N HIS F 12 19.94 -11.27 30.29
CA HIS F 12 18.49 -10.94 30.07
C HIS F 12 18.07 -9.58 30.66
N GLU F 13 18.68 -9.19 31.77
CA GLU F 13 18.48 -7.84 32.34
C GLU F 13 19.69 -6.94 32.05
N VAL F 14 20.21 -7.03 30.83
CA VAL F 14 21.18 -6.06 30.32
C VAL F 14 20.45 -5.14 29.35
N VAL F 15 20.94 -3.91 29.22
CA VAL F 15 20.33 -2.94 28.32
C VAL F 15 21.07 -2.98 26.99
N LYS F 16 20.31 -3.10 25.91
CA LYS F 16 20.88 -3.16 24.56
C LYS F 16 21.49 -1.82 24.16
N PHE F 17 22.59 -1.87 23.41
CA PHE F 17 23.36 -0.67 23.06
C PHE F 17 22.50 0.42 22.44
N MET F 18 21.67 0.06 21.46
CA MET F 18 20.79 1.02 20.80
C MET F 18 19.84 1.69 21.77
N ASP F 19 19.28 0.92 22.70
CA ASP F 19 18.37 1.46 23.70
C ASP F 19 19.11 2.45 24.60
N VAL F 20 20.31 2.10 25.05
CA VAL F 20 21.13 2.99 25.87
C VAL F 20 21.42 4.29 25.11
N TYR F 21 21.70 4.16 23.81
CA TYR F 21 22.01 5.32 22.96
C TYR F 21 20.79 6.23 22.83
N GLN F 22 19.67 5.67 22.41
CA GLN F 22 18.43 6.42 22.23
C GLN F 22 18.03 7.18 23.50
N ARG F 23 18.11 6.49 24.64
CA ARG F 23 17.61 7.02 25.90
C ARG F 23 18.54 8.02 26.58
N SER F 24 19.82 8.02 26.20
CA SER F 24 20.81 8.93 26.78
C SER F 24 21.09 10.15 25.90
N TYR F 25 20.49 10.18 24.71
CA TYR F 25 20.70 11.28 23.78
C TYR F 25 19.97 12.54 24.25
N CYS F 26 20.50 13.70 23.90
CA CYS F 26 19.93 15.00 24.27
C CYS F 26 18.43 15.09 23.99
N HIS F 27 17.63 15.29 25.05
CA HIS F 27 16.19 15.50 24.93
C HIS F 27 15.61 16.08 26.23
N PRO F 28 14.37 16.61 26.16
CA PRO F 28 13.74 17.13 27.39
C PRO F 28 13.30 16.02 28.34
N ILE F 29 13.72 16.12 29.60
CA ILE F 29 13.37 15.14 30.63
C ILE F 29 12.98 15.86 31.92
N GLU F 30 12.07 15.26 32.69
CA GLU F 30 11.60 15.86 33.94
C GLU F 30 12.73 15.91 34.97
N THR F 31 13.07 17.13 35.39
CA THR F 31 14.10 17.36 36.40
C THR F 31 13.47 18.06 37.60
N LEU F 32 13.91 17.67 38.79
CA LEU F 32 13.43 18.28 40.03
C LEU F 32 14.37 19.41 40.46
N VAL F 33 13.85 20.64 40.39
CA VAL F 33 14.66 21.84 40.53
C VAL F 33 14.32 22.59 41.81
N ASP F 34 15.34 22.94 42.59
CA ASP F 34 15.17 23.75 43.80
C ASP F 34 14.71 25.16 43.41
N ILE F 35 13.76 25.72 44.15
CA ILE F 35 13.19 27.03 43.84
C ILE F 35 14.20 28.17 44.05
N PHE F 36 15.09 28.01 45.03
CA PHE F 36 16.11 29.02 45.32
C PHE F 36 17.12 29.18 44.18
N GLN F 37 17.30 28.12 43.39
CA GLN F 37 18.13 28.18 42.18
C GLN F 37 17.52 29.13 41.16
N GLU F 38 16.19 29.05 41.01
CA GLU F 38 15.46 29.86 40.03
C GLU F 38 15.19 31.28 40.54
N TYR F 39 15.04 31.43 41.85
CA TYR F 39 14.82 32.73 42.48
C TYR F 39 15.80 32.94 43.64
N PRO F 40 17.07 33.28 43.32
CA PRO F 40 18.11 33.47 44.34
C PRO F 40 17.85 34.60 45.33
N ASP F 41 17.22 35.69 44.88
CA ASP F 41 17.00 36.87 45.72
C ASP F 41 15.75 36.72 46.59
N GLU F 42 15.64 35.60 47.30
CA GLU F 42 14.52 35.31 48.19
C GLU F 42 15.02 34.57 49.43
N ILE F 43 16.14 35.03 49.99
CA ILE F 43 16.77 34.38 51.14
C ILE F 43 15.94 34.55 52.42
N GLU F 44 15.19 35.64 52.53
CA GLU F 44 14.40 35.92 53.73
C GLU F 44 13.18 35.01 53.88
N TYR F 45 12.80 34.31 52.81
CA TYR F 45 11.62 33.44 52.82
C TYR F 45 11.96 31.96 52.69
N ILE F 46 10.96 31.12 52.99
CA ILE F 46 11.07 29.67 52.83
C ILE F 46 9.95 29.21 51.90
N PHE F 47 10.26 28.27 51.00
CA PHE F 47 9.28 27.76 50.05
C PHE F 47 8.97 26.28 50.27
N LYS F 48 7.68 25.94 50.16
CA LYS F 48 7.21 24.57 50.31
C LYS F 48 6.28 24.20 49.16
N PRO F 49 6.58 23.14 48.40
CA PRO F 49 7.81 22.36 48.54
C PRO F 49 9.02 23.13 48.02
N SER F 50 10.21 22.77 48.50
CA SER F 50 11.44 23.49 48.13
C SER F 50 11.79 23.36 46.66
N CYS F 51 11.59 22.16 46.11
CA CYS F 51 11.86 21.91 44.68
C CYS F 51 10.56 21.71 43.89
N VAL F 52 10.67 21.85 42.57
CA VAL F 52 9.54 21.66 41.66
C VAL F 52 9.97 20.85 40.43
N PRO F 53 9.04 20.07 39.85
CA PRO F 53 9.36 19.28 38.66
C PRO F 53 9.21 20.08 37.36
N LEU F 54 10.28 20.13 36.57
CA LEU F 54 10.28 20.90 35.32
C LEU F 54 10.96 20.11 34.20
N MET F 55 10.48 20.31 32.97
CA MET F 55 11.07 19.66 31.80
C MET F 55 12.32 20.44 31.36
N ARG F 56 13.47 19.78 31.43
CA ARG F 56 14.75 20.42 31.11
C ARG F 56 15.63 19.52 30.23
N CYS F 57 16.65 20.12 29.65
CA CYS F 57 17.49 19.44 28.65
C CYS F 57 18.56 18.60 29.31
N GLY F 58 18.25 17.34 29.56
CA GLY F 58 19.22 16.36 30.03
C GLY F 58 19.77 15.58 28.83
N GLY F 59 20.79 14.76 29.09
CA GLY F 59 21.39 13.94 28.05
C GLY F 59 22.61 14.58 27.42
N CYS F 60 23.37 13.78 26.68
CA CYS F 60 24.63 14.22 26.07
C CYS F 60 24.56 14.10 24.55
N CYS F 61 25.60 14.60 23.89
CA CYS F 61 25.69 14.59 22.43
C CYS F 61 26.76 13.61 21.93
N ASN F 62 26.75 13.37 20.63
CA ASN F 62 27.67 12.41 20.00
C ASN F 62 29.13 12.85 20.05
N ASP F 63 29.36 14.10 19.68
CA ASP F 63 30.70 14.62 19.42
C ASP F 63 31.08 15.71 20.41
N GLU F 64 32.39 15.95 20.55
CA GLU F 64 32.92 17.01 21.39
C GLU F 64 32.53 18.40 20.88
N GLY F 65 32.32 18.52 19.58
CA GLY F 65 31.90 19.78 18.98
C GLY F 65 30.47 20.19 19.30
N LEU F 66 29.62 19.20 19.62
CA LEU F 66 28.20 19.44 19.88
C LEU F 66 27.91 19.69 21.36
N GLU F 67 26.83 20.43 21.63
CA GLU F 67 26.34 20.65 22.99
C GLU F 67 24.80 20.59 23.02
N CYS F 68 24.26 19.98 24.07
CA CYS F 68 22.81 19.85 24.22
C CYS F 68 22.22 21.15 24.77
N VAL F 69 21.33 21.77 23.98
CA VAL F 69 20.74 23.07 24.33
C VAL F 69 19.24 23.11 24.06
N PRO F 70 18.52 24.01 24.77
CA PRO F 70 17.08 24.16 24.55
C PRO F 70 16.75 25.00 23.33
N THR F 71 15.96 24.43 22.41
CA THR F 71 15.55 25.13 21.20
C THR F 71 14.25 25.90 21.42
N GLU F 72 13.27 25.23 22.03
CA GLU F 72 11.97 25.84 22.31
C GLU F 72 11.73 25.91 23.81
N GLU F 73 11.23 27.07 24.28
CA GLU F 73 10.97 27.30 25.69
C GLU F 73 9.57 27.85 25.93
N SER F 74 9.09 27.67 27.16
CA SER F 74 7.77 28.18 27.56
C SER F 74 7.65 28.23 29.09
N ASN F 75 6.72 29.05 29.57
CA ASN F 75 6.49 29.19 31.00
C ASN F 75 5.40 28.25 31.53
N ILE F 76 5.54 27.85 32.78
CA ILE F 76 4.54 27.02 33.46
C ILE F 76 4.28 27.58 34.85
N THR F 77 3.00 27.75 35.20
CA THR F 77 2.60 28.31 36.48
C THR F 77 2.29 27.19 37.47
N MET F 78 2.70 27.39 38.73
CA MET F 78 2.50 26.40 39.79
C MET F 78 2.02 27.07 41.08
N GLN F 79 1.30 26.31 41.90
CA GLN F 79 0.87 26.78 43.21
C GLN F 79 1.93 26.45 44.26
N ILE F 80 2.48 27.49 44.88
CA ILE F 80 3.54 27.33 45.88
C ILE F 80 3.21 28.13 47.13
N MET F 81 3.62 27.63 48.29
CA MET F 81 3.44 28.32 49.57
C MET F 81 4.70 29.11 49.92
N ARG F 82 4.56 30.43 50.01
CA ARG F 82 5.62 31.26 50.55
C ARG F 82 5.44 31.38 52.06
N ILE F 83 6.46 30.97 52.80
CA ILE F 83 6.43 31.04 54.27
C ILE F 83 7.46 32.07 54.75
N LYS F 84 6.98 33.05 55.51
CA LYS F 84 7.86 33.99 56.19
C LYS F 84 7.96 33.57 57.66
N PRO F 85 9.16 33.14 58.09
CA PRO F 85 9.35 32.58 59.44
C PRO F 85 8.66 33.37 60.56
N HIS F 86 7.91 32.66 61.40
CA HIS F 86 7.22 33.23 62.56
C HIS F 86 6.10 34.24 62.24
N GLN F 87 5.82 34.46 60.96
CA GLN F 87 4.97 35.58 60.54
C GLN F 87 4.11 35.27 59.31
N GLY F 88 3.28 34.25 59.41
CA GLY F 88 2.27 33.95 58.38
C GLY F 88 2.80 33.25 57.14
N GLN F 89 1.87 32.69 56.36
CA GLN F 89 2.19 32.00 55.11
C GLN F 89 0.96 31.95 54.20
N HIS F 90 1.19 31.91 52.89
CA HIS F 90 0.10 31.98 51.92
C HIS F 90 0.42 31.24 50.62
N ILE F 91 -0.59 30.54 50.08
CA ILE F 91 -0.46 29.80 48.82
C ILE F 91 -0.67 30.74 47.64
N GLY F 92 0.37 30.91 46.83
CA GLY F 92 0.30 31.80 45.66
C GLY F 92 0.74 31.11 44.39
N GLU F 93 0.58 31.80 43.26
CA GLU F 93 0.98 31.26 41.96
C GLU F 93 2.37 31.73 41.57
N MET F 94 3.16 30.82 40.98
CA MET F 94 4.54 31.09 40.60
C MET F 94 4.82 30.58 39.19
N SER F 95 5.42 31.42 38.36
CA SER F 95 5.79 31.05 37.00
C SER F 95 7.20 30.43 36.98
N PHE F 96 7.40 29.45 36.12
CA PHE F 96 8.69 28.77 35.96
C PHE F 96 9.02 28.50 34.50
N LEU F 97 10.32 28.42 34.20
CA LEU F 97 10.80 28.18 32.84
C LEU F 97 11.07 26.70 32.60
N GLN F 98 10.64 26.19 31.45
CA GLN F 98 10.89 24.81 31.05
C GLN F 98 11.05 24.65 29.55
N HIS F 99 11.79 23.61 29.16
CA HIS F 99 12.18 23.40 27.76
C HIS F 99 11.29 22.37 27.07
N ASN F 100 10.68 22.76 25.95
CA ASN F 100 9.76 21.92 25.22
C ASN F 100 10.47 21.04 24.18
N LYS F 101 11.56 21.55 23.62
CA LYS F 101 12.36 20.80 22.65
C LYS F 101 13.86 21.07 22.87
N CYS F 102 14.65 20.00 22.87
CA CYS F 102 16.10 20.12 22.94
C CYS F 102 16.71 19.61 21.64
N GLU F 103 17.96 19.99 21.39
CA GLU F 103 18.69 19.55 20.20
C GLU F 103 20.18 19.79 20.36
N CYS F 104 21.00 18.86 19.87
CA CYS F 104 22.45 19.02 19.87
C CYS F 104 22.85 20.07 18.83
N ARG F 105 23.64 21.06 19.26
CA ARG F 105 24.10 22.13 18.38
C ARG F 105 25.61 22.33 18.53
N PRO F 106 26.27 22.87 17.48
CA PRO F 106 27.70 23.19 17.60
C PRO F 106 28.01 24.23 18.66
N LYS F 107 29.12 24.07 19.36
CA LYS F 107 29.48 24.97 20.47
C LYS F 107 29.75 26.40 20.00
N LYS F 108 30.78 26.57 19.17
CA LYS F 108 31.17 27.88 18.67
C LYS F 108 32.11 27.75 17.47
#